data_3WTG
#
_entry.id   3WTG
#
_cell.length_a   66.271
_cell.length_b   80.010
_cell.length_c   103.559
_cell.angle_alpha   90.00
_cell.angle_beta   90.00
_cell.angle_gamma   90.00
#
_symmetry.space_group_name_H-M   'P 21 21 21'
#
loop_
_entity.id
_entity.type
_entity.pdbx_description
1 polymer 'Hemoglobin subunit alpha-A'
2 polymer Hemoglobin
3 non-polymer 'PROTOPORPHYRIN IX CONTAINING FE'
4 non-polymer 'OXYGEN MOLECULE'
5 water water
#
loop_
_entity_poly.entity_id
_entity_poly.type
_entity_poly.pdbx_seq_one_letter_code
_entity_poly.pdbx_strand_id
1 'polypeptide(L)'
;MVLSAADKTNTKSVFAKIGPHAEEYGAETLERLFTTYPQTKTYFPHFDLHHGSAQVKAHGKKVAAALVEAANHIDDISTA
LSKLSDLHAQKLRVDPVNFKLLGQCFLVVVAIHHPSLLTPEVHASLDKFLCAVANVLTAKYR
;
A,C
2 'polypeptide(L)'
;VQWSAEEKQLISSLWGKVNVAECGAEALARLLIVYPWTQRFFTSFGNLSSASAIIGNPMVRAHGKKVLTSFGDAVKNLDN
IKNTFAQLSELHCDKLHVDPENFRLLGDILIIVLAAHFAKEFTPECQAAWQKLVRVVAHALARKYH
;
B,D
#
# COMPACT_ATOMS: atom_id res chain seq x y z
N VAL A 2 1.86 -8.43 16.30
CA VAL A 2 0.50 -8.73 16.83
C VAL A 2 -0.06 -7.50 17.58
N LEU A 3 -1.37 -7.51 17.89
CA LEU A 3 -1.96 -6.48 18.77
C LEU A 3 -1.44 -6.62 20.19
N SER A 4 -0.96 -5.51 20.75
CA SER A 4 -0.44 -5.51 22.10
C SER A 4 -1.61 -5.61 23.10
N ALA A 5 -1.27 -5.86 24.37
CA ALA A 5 -2.27 -5.94 25.43
C ALA A 5 -2.94 -4.59 25.66
N ALA A 6 -2.16 -3.53 25.46
CA ALA A 6 -2.66 -2.16 25.46
C ALA A 6 -3.67 -2.01 24.31
N ASP A 7 -3.27 -2.42 23.12
CA ASP A 7 -4.16 -2.37 21.93
C ASP A 7 -5.50 -3.01 22.20
N LYS A 8 -5.49 -4.22 22.79
CA LYS A 8 -6.70 -5.00 23.11
C LYS A 8 -7.60 -4.31 24.14
N THR A 9 -6.99 -3.71 25.16
CA THR A 9 -7.77 -2.96 26.16
C THR A 9 -8.40 -1.70 25.56
N ASN A 10 -7.68 -1.10 24.61
CA ASN A 10 -8.11 0.12 23.94
C ASN A 10 -9.27 -0.17 23.02
N THR A 11 -9.13 -1.22 22.22
CA THR A 11 -10.19 -1.54 21.29
C THR A 11 -11.44 -2.03 22.05
N LYS A 12 -11.27 -2.82 23.09
CA LYS A 12 -12.38 -3.19 23.98
C LYS A 12 -13.09 -1.98 24.61
N SER A 13 -12.33 -0.96 25.00
CA SER A 13 -12.94 0.25 25.57
C SER A 13 -13.82 0.99 24.56
N VAL A 14 -13.40 1.11 23.31
CA VAL A 14 -14.21 1.83 22.34
C VAL A 14 -15.44 1.04 22.01
N PHE A 15 -15.30 -0.29 21.87
CA PHE A 15 -16.47 -1.11 21.64
C PHE A 15 -17.41 -1.14 22.81
N ALA A 16 -16.85 -1.13 24.03
CA ALA A 16 -17.69 -1.06 25.19
C ALA A 16 -18.51 0.24 25.12
N LYS A 17 -17.87 1.36 24.77
CA LYS A 17 -18.57 2.64 24.70
C LYS A 17 -19.57 2.74 23.53
N ILE A 18 -19.23 2.25 22.34
CA ILE A 18 -20.09 2.42 21.14
C ILE A 18 -21.07 1.29 20.90
N GLY A 19 -21.00 0.22 21.70
CA GLY A 19 -21.85 -0.99 21.49
C GLY A 19 -23.35 -0.76 21.32
N PRO A 20 -23.96 0.08 22.18
CA PRO A 20 -25.39 0.42 22.05
C PRO A 20 -25.74 1.09 20.73
N HIS A 21 -24.72 1.61 20.03
CA HIS A 21 -24.91 2.35 18.80
C HIS A 21 -24.25 1.68 17.60
N ALA A 22 -23.74 0.45 17.80
CA ALA A 22 -22.97 -0.28 16.76
C ALA A 22 -23.74 -0.41 15.45
N GLU A 23 -25.01 -0.73 15.55
CA GLU A 23 -25.89 -0.83 14.41
C GLU A 23 -25.92 0.42 13.56
N GLU A 24 -26.22 1.56 14.17
CA GLU A 24 -26.34 2.80 13.41
C GLU A 24 -24.96 3.18 12.88
N TYR A 25 -23.90 2.94 13.66
CA TYR A 25 -22.54 3.25 13.22
C TYR A 25 -22.03 2.34 12.10
N GLY A 26 -22.54 1.12 12.02
CA GLY A 26 -22.26 0.27 10.86
C GLY A 26 -22.89 0.80 9.59
N ALA A 27 -24.14 1.27 9.70
CA ALA A 27 -24.86 1.82 8.57
C ALA A 27 -24.13 3.06 8.13
N GLU A 28 -23.81 3.95 9.07
CA GLU A 28 -23.10 5.18 8.74
C GLU A 28 -21.73 4.89 8.06
N THR A 29 -20.95 3.97 8.60
CA THR A 29 -19.68 3.50 8.00
C THR A 29 -19.80 3.16 6.51
N LEU A 30 -20.80 2.37 6.17
CA LEU A 30 -20.98 1.88 4.83
C LEU A 30 -21.39 3.00 3.93
N GLU A 31 -22.23 3.90 4.43
CA GLU A 31 -22.67 5.03 3.64
C GLU A 31 -21.49 5.94 3.31
N ARG A 32 -20.61 6.16 4.30
CA ARG A 32 -19.38 6.90 4.08
C ARG A 32 -18.50 6.22 3.06
N LEU A 33 -18.41 4.88 3.16
CA LEU A 33 -17.61 4.08 2.24
C LEU A 33 -18.09 4.27 0.79
N PHE A 34 -19.39 4.14 0.58
CA PHE A 34 -19.94 4.27 -0.75
C PHE A 34 -19.89 5.69 -1.33
N THR A 35 -20.06 6.71 -0.47
CA THR A 35 -20.01 8.11 -0.90
C THR A 35 -18.58 8.56 -1.16
N THR A 36 -17.70 8.31 -0.18
CA THR A 36 -16.33 8.82 -0.18
C THR A 36 -15.49 8.05 -1.21
N TYR A 37 -15.79 6.76 -1.38
CA TYR A 37 -15.03 5.87 -2.28
C TYR A 37 -15.99 5.10 -3.21
N PRO A 38 -16.64 5.81 -4.15
CA PRO A 38 -17.74 5.19 -4.94
C PRO A 38 -17.37 3.92 -5.67
N GLN A 39 -16.10 3.72 -5.98
CA GLN A 39 -15.72 2.47 -6.67
C GLN A 39 -16.07 1.23 -5.86
N THR A 40 -16.25 1.37 -4.55
CA THR A 40 -16.66 0.23 -3.71
C THR A 40 -18.07 -0.25 -4.00
N LYS A 41 -18.86 0.60 -4.63
CA LYS A 41 -20.26 0.29 -4.97
C LYS A 41 -20.33 -0.86 -5.96
N THR A 42 -19.24 -1.11 -6.71
CA THR A 42 -19.27 -2.21 -7.71
C THR A 42 -19.39 -3.59 -7.05
N TYR A 43 -19.04 -3.70 -5.78
CA TYR A 43 -19.16 -4.97 -5.08
C TYR A 43 -20.65 -5.23 -4.68
N PHE A 44 -21.50 -4.22 -4.80
CA PHE A 44 -22.90 -4.33 -4.38
C PHE A 44 -23.79 -3.93 -5.56
N PRO A 45 -23.62 -4.64 -6.69
CA PRO A 45 -24.35 -4.24 -7.91
C PRO A 45 -25.86 -4.32 -7.73
N HIS A 46 -26.33 -5.09 -6.76
CA HIS A 46 -27.76 -5.32 -6.61
C HIS A 46 -28.41 -4.76 -5.33
N PHE A 47 -27.74 -3.80 -4.68
CA PHE A 47 -28.23 -3.09 -3.48
C PHE A 47 -28.83 -1.77 -3.90
N ASP A 48 -29.83 -1.30 -3.14
CA ASP A 48 -30.20 0.11 -3.13
C ASP A 48 -29.12 0.82 -2.36
N LEU A 49 -28.37 1.68 -3.02
CA LEU A 49 -27.23 2.37 -2.38
C LEU A 49 -27.48 3.84 -2.09
N HIS A 50 -28.74 4.30 -2.28
CA HIS A 50 -29.13 5.70 -1.94
C HIS A 50 -28.98 5.99 -0.45
N HIS A 51 -28.60 7.24 -0.11
CA HIS A 51 -28.59 7.71 1.31
C HIS A 51 -29.88 7.30 2.00
N GLY A 52 -29.76 6.67 3.15
CA GLY A 52 -30.92 6.22 3.88
C GLY A 52 -31.39 4.81 3.58
N SER A 53 -31.03 4.24 2.43
CA SER A 53 -31.64 2.97 2.02
C SER A 53 -31.68 1.93 3.12
N ALA A 54 -32.83 1.29 3.24
CA ALA A 54 -33.06 0.19 4.17
C ALA A 54 -31.98 -0.88 4.11
N GLN A 55 -31.45 -1.12 2.93
CA GLN A 55 -30.65 -2.30 2.68
C GLN A 55 -29.19 -2.07 3.07
N VAL A 56 -28.73 -0.82 2.93
CA VAL A 56 -27.41 -0.42 3.41
C VAL A 56 -27.40 -0.46 4.93
N LYS A 57 -28.52 -0.04 5.54
CA LYS A 57 -28.75 -0.19 6.99
C LYS A 57 -28.70 -1.64 7.50
N ALA A 58 -29.40 -2.54 6.82
CA ALA A 58 -29.41 -3.97 7.20
C ALA A 58 -28.00 -4.57 7.11
N HIS A 59 -27.28 -4.23 6.04
CA HIS A 59 -25.92 -4.69 5.86
C HIS A 59 -24.95 -4.08 6.87
N GLY A 60 -25.16 -2.81 7.17
CA GLY A 60 -24.36 -2.09 8.17
C GLY A 60 -24.41 -2.77 9.52
N LYS A 61 -25.62 -3.17 9.90
CA LYS A 61 -25.88 -3.81 11.19
C LYS A 61 -25.01 -5.04 11.35
N LYS A 62 -24.97 -5.87 10.31
CA LYS A 62 -24.15 -7.08 10.29
C LYS A 62 -22.63 -6.79 10.28
N VAL A 63 -22.18 -5.74 9.59
CA VAL A 63 -20.74 -5.41 9.54
C VAL A 63 -20.25 -5.02 10.94
N ALA A 64 -21.00 -4.12 11.57
CA ALA A 64 -20.76 -3.70 12.95
C ALA A 64 -20.81 -4.89 13.93
N ALA A 65 -21.76 -5.82 13.70
CA ALA A 65 -21.92 -7.00 14.55
C ALA A 65 -20.69 -7.90 14.47
N ALA A 66 -20.13 -8.01 13.26
CA ALA A 66 -18.90 -8.76 13.07
C ALA A 66 -17.70 -8.05 13.68
N LEU A 67 -17.61 -6.73 13.54
CA LEU A 67 -16.59 -6.00 14.33
C LEU A 67 -16.77 -6.24 15.85
N VAL A 68 -18.02 -6.31 16.31
CA VAL A 68 -18.24 -6.48 17.77
C VAL A 68 -17.84 -7.87 18.25
N GLU A 69 -18.08 -8.87 17.42
CA GLU A 69 -17.63 -10.22 17.75
C GLU A 69 -16.09 -10.26 17.77
N ALA A 70 -15.44 -9.64 16.79
CA ALA A 70 -14.02 -9.76 16.73
C ALA A 70 -13.40 -9.09 17.94
N ALA A 71 -13.96 -7.97 18.37
CA ALA A 71 -13.52 -7.27 19.59
C ALA A 71 -13.70 -8.13 20.84
N ASN A 72 -14.85 -8.78 20.95
CA ASN A 72 -15.08 -9.72 22.06
C ASN A 72 -14.06 -10.83 22.14
N HIS A 73 -13.73 -11.41 20.98
CA HIS A 73 -12.79 -12.52 20.90
C HIS A 73 -11.48 -12.07 20.34
N ILE A 74 -10.97 -10.98 20.91
CA ILE A 74 -9.82 -10.27 20.34
C ILE A 74 -8.58 -11.21 20.22
N ASP A 75 -8.52 -12.24 21.06
CA ASP A 75 -7.40 -13.18 21.05
C ASP A 75 -7.54 -14.26 19.99
N ASP A 76 -8.75 -14.46 19.46
CA ASP A 76 -8.95 -15.41 18.35
C ASP A 76 -9.99 -14.89 17.35
N ILE A 77 -9.69 -13.72 16.81
CA ILE A 77 -10.47 -13.09 15.74
C ILE A 77 -10.65 -14.01 14.56
N SER A 78 -9.60 -14.74 14.22
CA SER A 78 -9.63 -15.74 13.10
C SER A 78 -10.80 -16.75 13.14
N THR A 79 -11.05 -17.34 14.31
CA THR A 79 -12.15 -18.27 14.45
C THR A 79 -13.47 -17.55 14.62
N ALA A 80 -13.44 -16.41 15.31
CA ALA A 80 -14.59 -15.49 15.44
C ALA A 80 -15.28 -15.21 14.10
N LEU A 81 -14.46 -14.76 13.13
CA LEU A 81 -14.91 -14.36 11.79
C LEU A 81 -14.73 -15.44 10.71
N SER A 82 -15.05 -16.69 11.07
CA SER A 82 -14.94 -17.82 10.14
C SER A 82 -16.08 -17.76 9.14
N LYS A 83 -15.78 -18.07 7.89
CA LYS A 83 -16.74 -18.03 6.80
C LYS A 83 -17.38 -16.65 6.69
N LEU A 84 -16.60 -15.66 7.10
CA LEU A 84 -16.57 -14.36 6.46
C LEU A 84 -15.39 -14.34 5.51
N SER A 85 -14.36 -15.14 5.81
CA SER A 85 -13.11 -15.11 5.02
C SER A 85 -13.25 -15.70 3.60
N ASP A 86 -13.91 -16.87 3.47
CA ASP A 86 -14.11 -17.45 2.14
C ASP A 86 -15.05 -16.52 1.36
N LEU A 87 -16.04 -15.96 2.05
CA LEU A 87 -16.95 -15.02 1.41
C LEU A 87 -16.15 -13.89 0.77
N HIS A 88 -15.32 -13.20 1.54
CA HIS A 88 -14.64 -12.02 1.05
C HIS A 88 -13.48 -12.30 0.12
N ALA A 89 -12.74 -13.39 0.35
CA ALA A 89 -11.50 -13.68 -0.39
C ALA A 89 -11.69 -14.59 -1.58
N GLN A 90 -12.58 -15.56 -1.46
CA GLN A 90 -12.71 -16.59 -2.46
C GLN A 90 -13.88 -16.33 -3.42
N LYS A 91 -15.01 -15.90 -2.90
CA LYS A 91 -16.24 -15.74 -3.68
C LYS A 91 -16.31 -14.34 -4.27
N LEU A 92 -16.15 -13.33 -3.41
CA LEU A 92 -16.33 -11.92 -3.80
C LEU A 92 -15.03 -11.28 -4.31
N ARG A 93 -13.89 -11.88 -3.97
CA ARG A 93 -12.57 -11.39 -4.37
C ARG A 93 -12.33 -9.93 -4.06
N VAL A 94 -12.61 -9.52 -2.81
CA VAL A 94 -12.40 -8.14 -2.42
C VAL A 94 -10.92 -7.72 -2.42
N ASP A 95 -10.62 -6.68 -3.21
CA ASP A 95 -9.27 -6.14 -3.29
C ASP A 95 -8.88 -5.76 -1.86
N PRO A 96 -7.69 -6.19 -1.37
CA PRO A 96 -7.22 -5.79 -0.04
C PRO A 96 -7.23 -4.32 0.25
N VAL A 97 -7.02 -3.45 -0.75
CA VAL A 97 -6.95 -2.03 -0.43
C VAL A 97 -8.26 -1.53 0.09
N ASN A 98 -9.36 -2.24 -0.17
CA ASN A 98 -10.63 -1.67 0.21
C ASN A 98 -10.90 -1.81 1.70
N PHE A 99 -10.28 -2.78 2.37
CA PHE A 99 -10.46 -2.91 3.81
C PHE A 99 -9.98 -1.68 4.53
N LYS A 100 -8.90 -1.09 4.02
CA LYS A 100 -8.35 0.16 4.53
C LYS A 100 -9.31 1.34 4.42
N LEU A 101 -10.01 1.43 3.28
CA LEU A 101 -11.05 2.41 3.04
C LEU A 101 -12.18 2.25 4.02
N LEU A 102 -12.64 1.02 4.21
CA LEU A 102 -13.69 0.78 5.20
C LEU A 102 -13.19 1.12 6.59
N GLY A 103 -11.96 0.79 6.92
CA GLY A 103 -11.46 1.13 8.25
C GLY A 103 -11.46 2.63 8.48
N GLN A 104 -10.99 3.36 7.49
CA GLN A 104 -10.95 4.79 7.55
C GLN A 104 -12.38 5.32 7.78
N CYS A 105 -13.39 4.70 7.15
CA CYS A 105 -14.76 5.22 7.36
C CYS A 105 -15.32 4.87 8.75
N PHE A 106 -14.87 3.78 9.31
CA PHE A 106 -15.22 3.47 10.70
C PHE A 106 -14.55 4.44 11.68
N LEU A 107 -13.31 4.74 11.44
CA LEU A 107 -12.61 5.70 12.30
C LEU A 107 -13.25 7.10 12.27
N VAL A 108 -13.65 7.59 11.10
CA VAL A 108 -14.35 8.89 11.02
C VAL A 108 -15.62 8.86 11.87
N VAL A 109 -16.33 7.74 11.80
CA VAL A 109 -17.57 7.56 12.50
C VAL A 109 -17.37 7.56 14.01
N VAL A 110 -16.36 6.88 14.52
CA VAL A 110 -16.10 6.96 15.95
C VAL A 110 -15.70 8.40 16.34
N ALA A 111 -14.94 9.06 15.47
CA ALA A 111 -14.45 10.42 15.76
C ALA A 111 -15.63 11.39 15.87
N ILE A 112 -16.61 11.20 15.01
CA ILE A 112 -17.72 12.12 14.91
C ILE A 112 -18.54 12.10 16.18
N HIS A 113 -18.86 10.89 16.64
CA HIS A 113 -19.79 10.69 17.77
C HIS A 113 -19.12 10.66 19.16
N HIS A 114 -17.86 10.25 19.21
CA HIS A 114 -17.09 10.11 20.43
C HIS A 114 -15.66 10.57 20.25
N PRO A 115 -15.45 11.84 19.90
CA PRO A 115 -14.12 12.39 19.64
C PRO A 115 -13.17 12.31 20.83
N SER A 116 -13.68 12.32 22.06
CA SER A 116 -12.80 12.27 23.24
C SER A 116 -12.34 10.85 23.54
N LEU A 117 -13.10 9.85 23.09
CA LEU A 117 -12.63 8.45 23.11
C LEU A 117 -11.47 8.19 22.14
N LEU A 118 -11.49 8.79 20.96
CA LEU A 118 -10.50 8.41 19.94
C LEU A 118 -9.24 9.24 20.09
N THR A 119 -8.53 9.05 21.18
CA THR A 119 -7.26 9.74 21.35
C THR A 119 -6.30 9.19 20.31
N PRO A 120 -5.17 9.86 20.11
CA PRO A 120 -4.24 9.30 19.12
C PRO A 120 -3.74 7.90 19.45
N GLU A 121 -3.60 7.57 20.74
CA GLU A 121 -3.19 6.23 21.14
C GLU A 121 -4.32 5.24 20.89
N VAL A 122 -5.56 5.62 21.16
CA VAL A 122 -6.68 4.71 20.92
C VAL A 122 -6.90 4.53 19.43
N HIS A 123 -6.66 5.58 18.65
CA HIS A 123 -6.76 5.52 17.21
C HIS A 123 -5.70 4.52 16.67
N ALA A 124 -4.49 4.56 17.23
CA ALA A 124 -3.46 3.58 16.85
C ALA A 124 -3.90 2.14 17.16
N SER A 125 -4.37 1.89 18.37
CA SER A 125 -4.87 0.56 18.74
C SER A 125 -5.99 0.12 17.76
N LEU A 126 -6.99 0.97 17.56
CA LEU A 126 -8.10 0.62 16.67
C LEU A 126 -7.62 0.38 15.23
N ASP A 127 -6.58 1.12 14.83
CA ASP A 127 -6.07 0.97 13.49
C ASP A 127 -5.49 -0.43 13.33
N LYS A 128 -4.65 -0.83 14.30
CA LYS A 128 -4.06 -2.18 14.32
C LYS A 128 -5.16 -3.26 14.39
N PHE A 129 -6.14 -3.13 15.26
CA PHE A 129 -7.33 -4.02 15.28
C PHE A 129 -8.04 -4.16 13.92
N LEU A 130 -8.32 -3.04 13.28
CA LEU A 130 -8.91 -3.06 11.93
C LEU A 130 -8.04 -3.81 10.90
N CYS A 131 -6.73 -3.66 11.00
CA CYS A 131 -5.84 -4.36 10.09
C CYS A 131 -5.90 -5.87 10.33
N ALA A 132 -6.10 -6.28 11.59
CA ALA A 132 -6.12 -7.70 11.94
C ALA A 132 -7.40 -8.37 11.49
N VAL A 133 -8.53 -7.67 11.63
CA VAL A 133 -9.80 -8.14 11.05
C VAL A 133 -9.70 -8.28 9.53
N ALA A 134 -9.11 -7.26 8.92
CA ALA A 134 -8.81 -7.28 7.49
C ALA A 134 -7.95 -8.49 7.11
N ASN A 135 -6.85 -8.69 7.83
CA ASN A 135 -5.95 -9.80 7.51
C ASN A 135 -6.63 -11.15 7.62
N VAL A 136 -7.63 -11.28 8.48
CA VAL A 136 -8.40 -12.51 8.55
C VAL A 136 -9.31 -12.74 7.35
N LEU A 137 -9.92 -11.66 6.86
CA LEU A 137 -10.97 -11.71 5.84
C LEU A 137 -10.36 -11.79 4.41
N THR A 138 -9.08 -11.48 4.28
CA THR A 138 -8.35 -11.59 3.02
C THR A 138 -7.48 -12.85 3.02
N ALA A 139 -7.43 -13.60 4.12
CA ALA A 139 -6.69 -14.87 4.15
C ALA A 139 -7.47 -15.96 3.40
N VAL B 1 -7.54 18.06 -12.68
CA VAL B 1 -8.72 17.53 -11.93
C VAL B 1 -9.94 18.46 -12.00
N GLN B 2 -11.14 17.85 -11.97
CA GLN B 2 -12.42 18.55 -12.05
C GLN B 2 -13.13 18.67 -10.69
N TRP B 3 -13.61 19.86 -10.36
CA TRP B 3 -14.41 20.09 -9.16
C TRP B 3 -15.80 20.50 -9.57
N SER B 4 -16.84 19.85 -9.02
CA SER B 4 -18.22 20.36 -9.21
C SER B 4 -18.42 21.57 -8.31
N ALA B 5 -19.47 22.34 -8.56
CA ALA B 5 -19.85 23.46 -7.67
C ALA B 5 -20.17 22.97 -6.24
N GLU B 6 -20.85 21.82 -6.14
CA GLU B 6 -21.16 21.17 -4.85
C GLU B 6 -19.90 20.96 -4.04
N GLU B 7 -18.89 20.35 -4.67
CA GLU B 7 -17.63 20.05 -3.98
C GLU B 7 -16.91 21.34 -3.59
N LYS B 8 -16.81 22.28 -4.54
CA LYS B 8 -16.17 23.58 -4.32
C LYS B 8 -16.72 24.30 -3.10
N GLN B 9 -18.04 24.37 -3.00
CA GLN B 9 -18.76 24.94 -1.85
C GLN B 9 -18.51 24.15 -0.55
N LEU B 10 -18.68 22.83 -0.57
CA LEU B 10 -18.39 22.00 0.65
C LEU B 10 -16.94 22.19 1.19
N ILE B 11 -16.00 22.47 0.29
CA ILE B 11 -14.59 22.66 0.68
C ILE B 11 -14.29 24.06 1.24
N SER B 12 -14.70 25.11 0.53
CA SER B 12 -14.42 26.49 0.97
C SER B 12 -15.24 26.86 2.22
N SER B 13 -16.46 26.36 2.29
CA SER B 13 -17.30 26.49 3.49
C SER B 13 -16.74 25.84 4.75
N LEU B 14 -16.29 24.60 4.66
CA LEU B 14 -15.71 23.94 5.83
C LEU B 14 -14.37 24.57 6.23
N TRP B 15 -13.57 24.93 5.22
CA TRP B 15 -12.24 25.47 5.48
C TRP B 15 -12.30 26.71 6.35
N GLY B 16 -13.26 27.57 6.06
CA GLY B 16 -13.44 28.84 6.79
C GLY B 16 -13.97 28.66 8.19
N LYS B 17 -14.03 27.44 8.67
CA LYS B 17 -14.40 27.12 10.05
C LYS B 17 -13.30 26.33 10.78
N VAL B 18 -12.21 26.00 10.09
CA VAL B 18 -11.15 25.16 10.66
C VAL B 18 -10.18 26.03 11.43
N ASN B 19 -9.97 25.69 12.70
CA ASN B 19 -8.93 26.29 13.54
C ASN B 19 -7.64 25.60 13.09
N VAL B 20 -6.78 26.33 12.39
CA VAL B 20 -5.59 25.76 11.71
C VAL B 20 -4.53 25.29 12.72
N ALA B 21 -4.28 26.10 13.75
CA ALA B 21 -3.24 25.83 14.74
C ALA B 21 -3.52 24.52 15.46
N GLU B 22 -4.75 24.43 15.95
CA GLU B 22 -5.23 23.30 16.71
C GLU B 22 -5.37 22.03 15.87
N CYS B 23 -6.02 22.16 14.70
CA CYS B 23 -6.23 20.99 13.84
C CYS B 23 -4.90 20.53 13.26
N GLY B 24 -4.03 21.49 12.92
CA GLY B 24 -2.75 21.22 12.33
C GLY B 24 -1.87 20.46 13.28
N ALA B 25 -1.76 20.95 14.53
CA ALA B 25 -0.98 20.30 15.58
C ALA B 25 -1.41 18.87 15.81
N GLU B 26 -2.71 18.71 15.95
CA GLU B 26 -3.34 17.44 16.25
C GLU B 26 -3.16 16.40 15.14
N ALA B 27 -3.24 16.84 13.89
CA ALA B 27 -3.02 15.97 12.72
C ALA B 27 -1.60 15.41 12.71
N LEU B 28 -0.63 16.30 12.86
CA LEU B 28 0.76 15.93 12.82
C LEU B 28 1.13 15.09 14.06
N ALA B 29 0.56 15.40 15.23
CA ALA B 29 0.72 14.54 16.42
C ALA B 29 0.19 13.13 16.15
N ARG B 30 -0.99 13.06 15.57
CA ARG B 30 -1.57 11.75 15.21
C ARG B 30 -0.69 10.95 14.25
N LEU B 31 -0.21 11.60 13.21
CA LEU B 31 0.67 10.95 12.25
C LEU B 31 1.87 10.30 12.95
N LEU B 32 2.53 11.04 13.84
CA LEU B 32 3.72 10.56 14.55
C LEU B 32 3.42 9.43 15.52
N ILE B 33 2.20 9.41 16.04
CA ILE B 33 1.78 8.41 16.99
C ILE B 33 1.17 7.14 16.35
N VAL B 34 0.31 7.30 15.34
CA VAL B 34 -0.35 6.15 14.69
C VAL B 34 0.64 5.40 13.73
N TYR B 35 1.50 6.16 13.03
CA TYR B 35 2.48 5.65 12.11
C TYR B 35 3.92 6.03 12.50
N PRO B 36 4.50 5.33 13.52
CA PRO B 36 5.64 5.98 14.19
C PRO B 36 6.93 6.04 13.40
N TRP B 37 7.02 5.32 12.30
CA TRP B 37 8.21 5.40 11.49
C TRP B 37 8.31 6.82 10.88
N THR B 38 7.20 7.56 10.87
CA THR B 38 7.23 8.95 10.42
C THR B 38 8.09 9.81 11.31
N GLN B 39 8.31 9.40 12.56
CA GLN B 39 9.13 10.20 13.49
C GLN B 39 10.59 10.39 13.02
N ARG B 40 11.09 9.48 12.19
CA ARG B 40 12.48 9.54 11.71
C ARG B 40 12.76 10.75 10.82
N PHE B 41 11.73 11.29 10.19
CA PHE B 41 11.93 12.52 9.42
C PHE B 41 11.98 13.78 10.29
N PHE B 42 11.81 13.67 11.61
CA PHE B 42 11.69 14.85 12.46
C PHE B 42 12.58 14.74 13.70
N THR B 43 13.80 14.26 13.51
CA THR B 43 14.72 14.13 14.62
C THR B 43 15.16 15.52 15.19
N SER B 44 15.18 16.55 14.36
CA SER B 44 15.55 17.90 14.82
C SER B 44 14.52 18.56 15.71
N PHE B 45 13.36 17.90 15.89
CA PHE B 45 12.25 18.43 16.71
C PHE B 45 12.40 18.01 18.15
N GLY B 46 13.48 17.32 18.49
CA GLY B 46 13.74 16.92 19.88
C GLY B 46 12.99 15.70 20.40
N ASN B 47 12.17 15.89 21.42
CA ASN B 47 11.57 14.78 22.17
C ASN B 47 10.24 14.27 21.58
N LEU B 48 10.34 13.11 20.91
CA LEU B 48 9.24 12.38 20.35
C LEU B 48 9.15 11.02 21.03
N SER B 49 9.59 10.98 22.28
CA SER B 49 9.79 9.71 22.98
C SER B 49 8.48 9.05 23.35
N SER B 50 7.39 9.82 23.41
CA SER B 50 6.13 9.26 23.86
C SER B 50 4.93 10.01 23.23
N ALA B 51 3.73 9.45 23.32
CA ALA B 51 2.53 10.12 22.83
C ALA B 51 2.35 11.47 23.53
N SER B 52 2.50 11.49 24.85
CA SER B 52 2.49 12.78 25.56
C SER B 52 3.58 13.72 25.04
N ALA B 53 4.80 13.22 24.87
CA ALA B 53 5.90 14.08 24.45
C ALA B 53 5.57 14.69 23.11
N ILE B 54 5.04 13.85 22.22
CA ILE B 54 4.74 14.27 20.87
C ILE B 54 3.67 15.38 20.86
N ILE B 55 2.59 15.18 21.60
CA ILE B 55 1.46 16.14 21.55
C ILE B 55 1.84 17.57 22.06
N GLY B 56 2.57 17.63 23.15
CA GLY B 56 3.03 18.91 23.68
C GLY B 56 4.40 19.35 23.20
N ASN B 57 4.98 18.64 22.24
CA ASN B 57 6.25 19.09 21.65
C ASN B 57 5.92 20.35 20.85
N PRO B 58 6.62 21.46 21.12
CA PRO B 58 6.19 22.68 20.43
C PRO B 58 6.64 22.79 18.97
N MET B 59 7.76 22.14 18.59
CA MET B 59 8.08 21.96 17.16
C MET B 59 6.99 21.21 16.39
N VAL B 60 6.39 20.18 17.01
CA VAL B 60 5.30 19.44 16.33
C VAL B 60 4.12 20.41 16.13
N ARG B 61 3.76 21.15 17.16
CA ARG B 61 2.59 22.02 17.07
C ARG B 61 2.81 23.13 16.05
N ALA B 62 3.96 23.78 16.08
CA ALA B 62 4.20 24.89 15.17
C ALA B 62 4.26 24.38 13.73
N HIS B 63 4.85 23.20 13.52
CA HIS B 63 4.98 22.62 12.18
C HIS B 63 3.61 22.07 11.70
N GLY B 64 2.81 21.53 12.61
CA GLY B 64 1.44 21.11 12.27
C GLY B 64 0.68 22.29 11.65
N LYS B 65 0.65 23.41 12.38
CA LYS B 65 0.02 24.63 11.91
C LYS B 65 0.44 25.00 10.50
N LYS B 66 1.72 24.89 10.23
CA LYS B 66 2.25 25.15 8.90
C LYS B 66 1.79 24.13 7.87
N VAL B 67 1.69 22.85 8.23
CA VAL B 67 1.22 21.81 7.29
C VAL B 67 -0.24 22.10 6.84
N LEU B 68 -1.08 22.48 7.79
CA LEU B 68 -2.49 22.64 7.51
C LEU B 68 -2.69 23.95 6.80
N THR B 69 -1.99 24.99 7.23
CA THR B 69 -1.94 26.22 6.47
C THR B 69 -1.66 25.92 5.01
N SER B 70 -0.76 24.97 4.74
CA SER B 70 -0.43 24.63 3.36
C SER B 70 -1.68 24.15 2.63
N PHE B 71 -2.43 23.22 3.24
CA PHE B 71 -3.74 22.84 2.70
C PHE B 71 -4.67 24.00 2.43
N GLY B 72 -4.65 25.00 3.30
CA GLY B 72 -5.42 26.23 3.09
C GLY B 72 -5.11 26.89 1.77
N ASP B 73 -3.86 26.78 1.35
CA ASP B 73 -3.45 27.37 0.06
C ASP B 73 -4.01 26.55 -1.09
N ALA B 74 -4.26 25.27 -0.83
CA ALA B 74 -4.90 24.42 -1.82
C ALA B 74 -6.38 24.80 -1.96
N VAL B 75 -7.04 25.04 -0.84
CA VAL B 75 -8.45 25.44 -0.86
C VAL B 75 -8.62 26.76 -1.59
N LYS B 76 -7.71 27.70 -1.32
CA LYS B 76 -7.81 29.04 -1.93
C LYS B 76 -7.47 29.08 -3.43
N ASN B 77 -7.00 27.97 -4.00
CA ASN B 77 -6.82 27.91 -5.45
C ASN B 77 -6.80 26.45 -5.95
N LEU B 78 -7.99 25.83 -5.97
CA LEU B 78 -8.19 24.42 -6.31
C LEU B 78 -7.77 24.04 -7.74
N ASP B 79 -7.84 25.02 -8.64
CA ASP B 79 -7.43 24.80 -10.02
C ASP B 79 -5.91 24.97 -10.21
N ASN B 80 -5.20 25.46 -9.20
CA ASN B 80 -3.77 25.78 -9.35
C ASN B 80 -2.92 24.97 -8.35
N ILE B 81 -3.35 23.74 -8.07
CA ILE B 81 -2.79 22.91 -6.99
C ILE B 81 -1.42 22.41 -7.39
N LYS B 82 -1.30 21.78 -8.58
CA LYS B 82 -0.01 21.37 -9.14
C LYS B 82 1.03 22.44 -8.88
N ASN B 83 0.79 23.61 -9.46
CA ASN B 83 1.77 24.70 -9.42
C ASN B 83 2.03 25.24 -8.02
N THR B 84 0.97 25.33 -7.21
CA THR B 84 1.06 25.82 -5.82
C THR B 84 1.98 24.99 -4.94
N PHE B 85 2.02 23.68 -5.18
CA PHE B 85 2.87 22.78 -4.36
C PHE B 85 4.22 22.38 -4.98
N ALA B 86 4.57 22.97 -6.12
CA ALA B 86 5.77 22.55 -6.84
C ALA B 86 6.99 22.59 -5.94
N GLN B 87 7.16 23.69 -5.21
CA GLN B 87 8.32 23.85 -4.33
C GLN B 87 8.29 22.83 -3.19
N LEU B 88 7.13 22.66 -2.59
CA LEU B 88 7.03 21.65 -1.55
C LEU B 88 7.18 20.21 -2.08
N SER B 89 6.89 19.97 -3.35
CA SER B 89 7.12 18.62 -3.89
C SER B 89 8.59 18.26 -3.95
N GLU B 90 9.42 19.25 -4.33
CA GLU B 90 10.87 19.11 -4.39
C GLU B 90 11.48 18.82 -3.03
N LEU B 91 11.00 19.55 -2.03
CA LEU B 91 11.44 19.36 -0.67
C LEU B 91 11.20 17.93 -0.26
N HIS B 92 9.94 17.49 -0.39
CA HIS B 92 9.54 16.19 0.16
C HIS B 92 10.19 15.01 -0.60
N CYS B 93 10.35 15.14 -1.91
CA CYS B 93 10.78 14.04 -2.79
C CYS B 93 12.28 13.98 -3.09
N ASP B 94 12.90 15.14 -3.32
CA ASP B 94 14.30 15.21 -3.74
C ASP B 94 15.26 15.35 -2.54
N LYS B 95 14.88 16.20 -1.59
CA LYS B 95 15.67 16.42 -0.37
C LYS B 95 15.34 15.41 0.72
N LEU B 96 14.05 15.28 1.05
CA LEU B 96 13.63 14.45 2.18
C LEU B 96 13.33 12.97 1.88
N HIS B 97 13.00 12.65 0.63
CA HIS B 97 12.68 11.27 0.26
C HIS B 97 11.54 10.68 1.15
N VAL B 98 10.45 11.42 1.30
CA VAL B 98 9.29 10.90 2.04
C VAL B 98 8.58 9.98 1.06
N ASP B 99 8.33 8.71 1.41
CA ASP B 99 7.57 7.85 0.47
C ASP B 99 6.13 8.41 0.33
N PRO B 100 5.62 8.53 -0.91
CA PRO B 100 4.28 9.11 -1.16
C PRO B 100 3.12 8.43 -0.44
N GLU B 101 3.29 7.19 -0.06
CA GLU B 101 2.30 6.54 0.80
C GLU B 101 2.10 7.36 2.07
N ASN B 102 3.14 7.97 2.58
CA ASN B 102 2.95 8.82 3.78
C ASN B 102 2.06 10.05 3.59
N PHE B 103 2.01 10.60 2.37
CA PHE B 103 1.18 11.74 2.07
C PHE B 103 -0.29 11.32 2.20
N ARG B 104 -0.64 10.14 1.70
CA ARG B 104 -2.04 9.68 1.84
C ARG B 104 -2.39 9.27 3.29
N LEU B 105 -1.40 8.83 4.07
CA LEU B 105 -1.67 8.52 5.52
C LEU B 105 -1.95 9.78 6.32
N LEU B 106 -1.27 10.88 5.99
CA LEU B 106 -1.46 12.15 6.67
C LEU B 106 -2.80 12.75 6.22
N GLY B 107 -3.15 12.55 4.95
CA GLY B 107 -4.47 12.90 4.44
C GLY B 107 -5.63 12.24 5.19
N ASP B 108 -5.50 10.93 5.42
CA ASP B 108 -6.47 10.14 6.16
C ASP B 108 -6.64 10.64 7.58
N ILE B 109 -5.53 10.97 8.24
CA ILE B 109 -5.52 11.44 9.58
C ILE B 109 -6.13 12.83 9.66
N LEU B 110 -5.89 13.69 8.68
CA LEU B 110 -6.48 15.02 8.74
C LEU B 110 -8.00 14.90 8.66
N ILE B 111 -8.49 14.01 7.79
CA ILE B 111 -9.92 13.76 7.72
C ILE B 111 -10.51 13.28 9.02
N ILE B 112 -9.82 12.38 9.72
CA ILE B 112 -10.27 11.93 11.04
C ILE B 112 -10.32 13.09 12.07
N VAL B 113 -9.32 13.96 12.01
CA VAL B 113 -9.26 15.16 12.84
C VAL B 113 -10.37 16.12 12.42
N LEU B 114 -10.56 16.36 11.12
CA LEU B 114 -11.72 17.22 10.75
C LEU B 114 -13.03 16.60 11.25
N ALA B 115 -13.10 15.28 11.27
CA ALA B 115 -14.32 14.59 11.69
C ALA B 115 -14.58 14.85 13.18
N ALA B 116 -13.53 14.73 13.96
CA ALA B 116 -13.63 14.98 15.40
C ALA B 116 -14.04 16.42 15.71
N HIS B 117 -13.59 17.37 14.88
CA HIS B 117 -13.80 18.77 15.17
C HIS B 117 -15.16 19.27 14.68
N PHE B 118 -15.74 18.59 13.69
CA PHE B 118 -17.01 19.03 13.09
C PHE B 118 -18.20 18.15 13.39
N ALA B 119 -17.98 16.99 13.97
CA ALA B 119 -19.08 16.17 14.43
C ALA B 119 -20.08 15.98 13.29
N LYS B 120 -21.37 16.20 13.51
CA LYS B 120 -22.37 15.72 12.56
C LYS B 120 -22.47 16.55 11.26
N GLU B 121 -21.80 17.72 11.26
CA GLU B 121 -21.69 18.53 10.08
C GLU B 121 -20.69 17.96 9.07
N PHE B 122 -19.79 17.07 9.50
CA PHE B 122 -18.86 16.38 8.57
C PHE B 122 -19.67 15.25 7.94
N THR B 123 -20.58 15.61 7.06
CA THR B 123 -21.56 14.73 6.48
C THR B 123 -20.83 13.81 5.49
N PRO B 124 -21.47 12.68 5.09
CA PRO B 124 -20.75 11.83 4.15
C PRO B 124 -20.27 12.59 2.90
N GLU B 125 -21.08 13.53 2.42
CA GLU B 125 -20.69 14.27 1.26
C GLU B 125 -19.56 15.25 1.53
N CYS B 126 -19.54 15.83 2.72
CA CYS B 126 -18.41 16.64 3.13
C CYS B 126 -17.15 15.80 3.21
N GLN B 127 -17.28 14.56 3.67
CA GLN B 127 -16.11 13.67 3.78
C GLN B 127 -15.63 13.41 2.38
N ALA B 128 -16.52 13.24 1.44
CA ALA B 128 -16.10 12.89 0.05
C ALA B 128 -15.27 13.99 -0.63
N ALA B 129 -15.71 15.23 -0.42
CA ALA B 129 -15.04 16.42 -1.00
C ALA B 129 -13.64 16.55 -0.41
N TRP B 130 -13.52 16.52 0.92
CA TRP B 130 -12.23 16.54 1.60
C TRP B 130 -11.35 15.34 1.26
N GLN B 131 -11.95 14.18 1.05
CA GLN B 131 -11.15 13.06 0.58
C GLN B 131 -10.56 13.47 -0.76
N LYS B 132 -11.41 13.96 -1.65
CA LYS B 132 -10.92 14.28 -2.99
C LYS B 132 -9.76 15.31 -2.87
N LEU B 133 -9.96 16.36 -2.04
CA LEU B 133 -8.92 17.39 -1.79
C LEU B 133 -7.61 16.85 -1.23
N VAL B 134 -7.65 16.02 -0.18
CA VAL B 134 -6.42 15.55 0.41
C VAL B 134 -5.70 14.63 -0.57
N ARG B 135 -6.46 13.98 -1.43
CA ARG B 135 -5.91 13.13 -2.47
C ARG B 135 -5.15 14.01 -3.49
N VAL B 136 -5.71 15.16 -3.88
CA VAL B 136 -5.10 15.94 -4.94
C VAL B 136 -3.88 16.65 -4.39
N VAL B 137 -3.92 17.02 -3.11
CA VAL B 137 -2.73 17.60 -2.47
C VAL B 137 -1.60 16.59 -2.41
N ALA B 138 -1.90 15.33 -2.02
CA ALA B 138 -0.88 14.24 -2.01
C ALA B 138 -0.26 14.00 -3.36
N HIS B 139 -1.09 14.02 -4.40
CA HIS B 139 -0.65 13.85 -5.81
C HIS B 139 0.24 15.03 -6.23
N ALA B 140 -0.18 16.26 -5.90
CA ALA B 140 0.60 17.49 -6.21
C ALA B 140 1.97 17.42 -5.53
N LEU B 141 2.01 16.88 -4.32
CA LEU B 141 3.22 16.78 -3.57
C LEU B 141 4.12 15.68 -4.14
N ALA B 142 3.51 14.63 -4.67
CA ALA B 142 4.27 13.51 -5.25
C ALA B 142 4.76 13.80 -6.64
N ARG B 143 4.45 14.98 -7.20
CA ARG B 143 4.71 15.24 -8.63
C ARG B 143 6.17 15.10 -9.09
N LYS B 144 7.10 15.31 -8.15
CA LYS B 144 8.54 15.20 -8.43
C LYS B 144 9.07 13.77 -8.39
N TYR B 145 8.25 12.82 -7.94
CA TYR B 145 8.59 11.41 -8.07
C TYR B 145 8.34 10.86 -9.45
N HIS B 146 7.50 11.57 -10.22
CA HIS B 146 6.96 11.10 -11.50
C HIS B 146 7.35 12.03 -12.65
N VAL C 2 -2.42 -16.83 6.56
CA VAL C 2 -1.25 -17.63 7.02
C VAL C 2 -0.63 -18.38 5.86
N LEU C 3 0.58 -18.89 6.10
CA LEU C 3 1.27 -19.73 5.16
C LEU C 3 0.69 -21.15 5.22
N SER C 4 0.15 -21.62 4.10
CA SER C 4 -0.38 -22.97 3.99
C SER C 4 0.73 -24.00 3.99
N ALA C 5 0.37 -25.27 4.17
CA ALA C 5 1.32 -26.37 4.07
C ALA C 5 2.09 -26.31 2.74
N ALA C 6 1.37 -26.10 1.63
CA ALA C 6 1.98 -26.04 0.30
C ALA C 6 2.97 -24.84 0.23
N ASP C 7 2.64 -23.73 0.90
CA ASP C 7 3.47 -22.53 0.88
C ASP C 7 4.82 -22.79 1.57
N LYS C 8 4.74 -23.43 2.74
CA LYS C 8 5.91 -23.76 3.53
C LYS C 8 6.77 -24.76 2.76
N THR C 9 6.16 -25.77 2.14
CA THR C 9 6.95 -26.69 1.29
C THR C 9 7.62 -25.96 0.12
N ASN C 10 6.88 -25.09 -0.57
CA ASN C 10 7.47 -24.37 -1.68
C ASN C 10 8.63 -23.49 -1.25
N THR C 11 8.44 -22.76 -0.14
CA THR C 11 9.53 -21.91 0.32
C THR C 11 10.71 -22.72 0.82
N LYS C 12 10.47 -23.83 1.53
CA LYS C 12 11.60 -24.65 1.99
C LYS C 12 12.35 -25.15 0.75
N SER C 13 11.60 -25.45 -0.32
CA SER C 13 12.19 -26.01 -1.50
C SER C 13 12.99 -24.99 -2.28
N VAL C 14 12.58 -23.72 -2.32
CA VAL C 14 13.48 -22.73 -2.89
C VAL C 14 14.75 -22.53 -2.02
N PHE C 15 14.60 -22.48 -0.69
CA PHE C 15 15.75 -22.28 0.18
C PHE C 15 16.71 -23.44 0.13
N ALA C 16 16.26 -24.66 -0.15
CA ALA C 16 17.16 -25.79 -0.33
C ALA C 16 18.05 -25.54 -1.53
N LYS C 17 17.50 -24.96 -2.59
CA LYS C 17 18.24 -24.80 -3.80
C LYS C 17 19.14 -23.59 -3.76
N ILE C 18 18.73 -22.51 -3.08
CA ILE C 18 19.60 -21.31 -3.03
C ILE C 18 20.49 -21.24 -1.85
N GLY C 19 20.32 -22.16 -0.91
CA GLY C 19 21.00 -22.09 0.38
C GLY C 19 22.50 -22.03 0.28
N PRO C 20 23.10 -22.85 -0.59
CA PRO C 20 24.54 -22.76 -0.73
C PRO C 20 25.07 -21.40 -1.27
N HIS C 21 24.19 -20.57 -1.86
CA HIS C 21 24.58 -19.27 -2.41
C HIS C 21 23.95 -18.09 -1.63
N ALA C 22 23.44 -18.37 -0.44
CA ALA C 22 22.67 -17.38 0.32
C ALA C 22 23.46 -16.09 0.47
N GLU C 23 24.71 -16.28 0.77
CA GLU C 23 25.57 -15.21 1.08
C GLU C 23 25.78 -14.36 -0.15
N GLU C 24 26.10 -14.95 -1.27
CA GLU C 24 26.19 -14.13 -2.48
C GLU C 24 24.83 -13.55 -2.94
N TYR C 25 23.73 -14.23 -2.73
CA TYR C 25 22.45 -13.62 -3.11
C TYR C 25 22.03 -12.50 -2.14
N GLY C 26 22.43 -12.58 -0.86
CA GLY C 26 22.15 -11.52 0.09
C GLY C 26 22.75 -10.21 -0.35
N ALA C 27 24.03 -10.27 -0.70
CA ALA C 27 24.75 -9.15 -1.22
C ALA C 27 24.09 -8.53 -2.45
N GLU C 28 23.78 -9.37 -3.45
CA GLU C 28 23.21 -8.89 -4.69
C GLU C 28 21.88 -8.21 -4.47
N THR C 29 21.03 -8.84 -3.63
CA THR C 29 19.77 -8.28 -3.19
C THR C 29 19.90 -6.82 -2.66
N LEU C 30 20.86 -6.54 -1.77
CA LEU C 30 21.09 -5.17 -1.29
C LEU C 30 21.65 -4.27 -2.40
N GLU C 31 22.56 -4.79 -3.20
CA GLU C 31 23.09 -4.01 -4.28
C GLU C 31 21.91 -3.56 -5.13
N ARG C 32 21.02 -4.51 -5.45
CA ARG C 32 19.85 -4.17 -6.29
C ARG C 32 18.87 -3.24 -5.58
N LEU C 33 18.66 -3.43 -4.28
CA LEU C 33 17.86 -2.53 -3.50
C LEU C 33 18.34 -1.09 -3.58
N PHE C 34 19.62 -0.89 -3.35
CA PHE C 34 20.17 0.46 -3.29
C PHE C 34 20.25 1.14 -4.66
N THR C 35 20.44 0.33 -5.70
CA THR C 35 20.50 0.78 -7.10
C THR C 35 19.11 1.06 -7.68
N THR C 36 18.18 0.12 -7.54
CA THR C 36 16.82 0.26 -8.09
C THR C 36 15.95 1.27 -7.31
N TYR C 37 16.18 1.38 -6.01
CA TYR C 37 15.43 2.22 -5.11
C TYR C 37 16.40 3.00 -4.24
N PRO C 38 17.08 4.00 -4.83
CA PRO C 38 18.18 4.72 -4.16
C PRO C 38 17.80 5.40 -2.86
N GLN C 39 16.54 5.79 -2.73
CA GLN C 39 16.07 6.40 -1.49
C GLN C 39 16.32 5.49 -0.25
N THR C 40 16.42 4.17 -0.45
CA THR C 40 16.73 3.25 0.65
C THR C 40 18.15 3.37 1.25
N LYS C 41 19.07 4.01 0.51
CA LYS C 41 20.43 4.26 1.00
C LYS C 41 20.47 5.03 2.32
N THR C 42 19.58 6.02 2.47
CA THR C 42 19.57 6.87 3.65
C THR C 42 19.46 6.09 4.96
N TYR C 43 19.11 4.80 4.91
CA TYR C 43 19.16 4.02 6.13
C TYR C 43 20.56 3.53 6.51
N PHE C 44 21.48 3.57 5.56
CA PHE C 44 22.81 3.00 5.70
C PHE C 44 23.83 4.11 5.43
N PRO C 45 23.69 5.27 6.12
CA PRO C 45 24.54 6.40 5.78
C PRO C 45 25.95 6.20 6.35
N HIS C 46 26.04 5.35 7.38
CA HIS C 46 27.28 4.89 7.99
C HIS C 46 27.94 3.72 7.22
N PHE C 47 27.36 3.29 6.11
CA PHE C 47 28.02 2.31 5.23
C PHE C 47 28.70 3.04 4.07
N ASP C 48 29.85 2.51 3.64
CA ASP C 48 30.27 2.77 2.28
C ASP C 48 29.39 1.87 1.43
N LEU C 49 28.66 2.49 0.50
CA LEU C 49 27.64 1.78 -0.24
C LEU C 49 28.01 1.64 -1.72
N HIS C 50 29.31 1.45 -1.99
CA HIS C 50 29.82 1.27 -3.36
C HIS C 50 29.90 -0.19 -3.74
N HIS C 51 29.83 -0.46 -5.03
CA HIS C 51 29.82 -1.84 -5.54
C HIS C 51 31.00 -2.63 -4.98
N GLY C 52 30.71 -3.68 -4.22
CA GLY C 52 31.72 -4.56 -3.67
C GLY C 52 32.23 -4.20 -2.29
N SER C 53 31.55 -3.25 -1.63
CA SER C 53 31.92 -2.86 -0.28
C SER C 53 31.86 -4.05 0.67
N ALA C 54 32.71 -4.03 1.67
CA ALA C 54 32.81 -5.13 2.59
C ALA C 54 31.63 -5.07 3.54
N GLN C 55 31.13 -3.86 3.78
CA GLN C 55 29.96 -3.68 4.63
C GLN C 55 28.68 -4.20 3.97
N VAL C 56 28.48 -3.82 2.73
CA VAL C 56 27.33 -4.33 1.98
C VAL C 56 27.39 -5.86 1.86
N LYS C 57 28.51 -6.40 1.43
CA LYS C 57 28.64 -7.85 1.35
C LYS C 57 28.46 -8.51 2.73
N ALA C 58 29.09 -7.95 3.76
CA ALA C 58 28.94 -8.46 5.13
C ALA C 58 27.49 -8.42 5.65
N HIS C 59 26.76 -7.40 5.25
CA HIS C 59 25.38 -7.19 5.70
C HIS C 59 24.44 -8.14 4.93
N GLY C 60 24.70 -8.31 3.63
CA GLY C 60 23.89 -9.22 2.77
C GLY C 60 23.85 -10.64 3.29
N LYS C 61 25.00 -11.07 3.77
CA LYS C 61 25.18 -12.36 4.36
C LYS C 61 24.27 -12.51 5.57
N LYS C 62 24.19 -11.46 6.40
CA LYS C 62 23.34 -11.49 7.55
C LYS C 62 21.84 -11.45 7.20
N VAL C 63 21.48 -10.69 6.19
CA VAL C 63 20.09 -10.59 5.79
C VAL C 63 19.66 -11.96 5.23
N ALA C 64 20.50 -12.59 4.40
CA ALA C 64 20.15 -13.88 3.78
C ALA C 64 20.03 -14.95 4.85
N ALA C 65 20.89 -14.84 5.88
CA ALA C 65 20.88 -15.73 7.04
C ALA C 65 19.59 -15.61 7.86
N ALA C 66 19.08 -14.37 7.97
CA ALA C 66 17.81 -14.15 8.66
C ALA C 66 16.70 -14.85 7.86
N LEU C 67 16.75 -14.72 6.55
CA LEU C 67 15.74 -15.38 5.69
C LEU C 67 15.81 -16.91 5.76
N VAL C 68 17.02 -17.45 5.72
CA VAL C 68 17.27 -18.90 5.92
C VAL C 68 16.70 -19.37 7.25
N GLU C 69 16.96 -18.63 8.32
CA GLU C 69 16.38 -18.96 9.64
C GLU C 69 14.83 -18.89 9.66
N ALA C 70 14.25 -17.86 9.05
CA ALA C 70 12.80 -17.81 8.96
C ALA C 70 12.29 -19.04 8.18
N ALA C 71 12.96 -19.38 7.07
CA ALA C 71 12.56 -20.55 6.29
C ALA C 71 12.70 -21.85 7.09
N ASN C 72 13.79 -21.94 7.86
CA ASN C 72 14.05 -23.12 8.74
C ASN C 72 13.04 -23.26 9.90
N HIS C 73 12.62 -22.14 10.47
CA HIS C 73 11.56 -22.16 11.50
C HIS C 73 10.26 -21.49 11.06
N ILE C 74 9.81 -21.87 9.87
CA ILE C 74 8.69 -21.24 9.17
C ILE C 74 7.33 -21.43 9.85
N ASP C 75 7.21 -22.37 10.80
CA ASP C 75 5.95 -22.54 11.56
C ASP C 75 5.70 -21.36 12.50
N ASP C 76 6.79 -20.71 12.91
CA ASP C 76 6.75 -19.67 13.92
C ASP C 76 7.84 -18.59 13.64
N ILE C 77 7.59 -17.80 12.61
CA ILE C 77 8.53 -16.79 12.15
C ILE C 77 8.69 -15.63 13.13
N SER C 78 7.63 -15.27 13.85
CA SER C 78 7.74 -14.23 14.91
C SER C 78 8.75 -14.64 15.94
N THR C 79 8.70 -15.88 16.42
CA THR C 79 9.68 -16.19 17.44
C THR C 79 11.09 -16.23 16.86
N ALA C 80 11.28 -16.86 15.69
CA ALA C 80 12.64 -17.06 15.10
C ALA C 80 13.37 -15.76 14.81
N LEU C 81 12.63 -14.75 14.38
CA LEU C 81 13.13 -13.42 14.07
C LEU C 81 12.85 -12.44 15.22
N SER C 82 12.87 -12.98 16.43
CA SER C 82 12.71 -12.21 17.67
C SER C 82 13.35 -10.82 17.64
N LYS C 83 14.69 -10.81 17.62
CA LYS C 83 15.47 -9.62 17.95
C LYS C 83 15.59 -8.63 16.81
N LEU C 84 15.00 -8.89 15.66
CA LEU C 84 15.15 -7.97 14.52
C LEU C 84 14.00 -6.99 14.41
N SER C 85 12.94 -7.29 15.17
CA SER C 85 11.69 -6.54 15.16
C SER C 85 11.83 -5.24 15.95
N ASP C 86 12.42 -5.29 17.13
CA ASP C 86 12.73 -4.04 17.88
C ASP C 86 13.57 -3.12 17.03
N LEU C 87 14.60 -3.71 16.42
CA LEU C 87 15.60 -2.97 15.68
C LEU C 87 15.04 -2.21 14.46
N HIS C 88 14.26 -2.92 13.65
CA HIS C 88 13.69 -2.31 12.41
C HIS C 88 12.53 -1.38 12.69
N ALA C 89 11.63 -1.78 13.58
CA ALA C 89 10.44 -1.04 13.87
C ALA C 89 10.76 0.16 14.82
N GLN C 90 11.37 -0.13 15.96
CA GLN C 90 11.51 0.90 17.03
C GLN C 90 12.77 1.73 16.91
N LYS C 91 13.89 1.12 16.53
CA LYS C 91 15.12 1.88 16.42
C LYS C 91 15.32 2.50 15.06
N LEU C 92 15.39 1.68 14.01
CA LEU C 92 15.70 2.17 12.67
C LEU C 92 14.56 2.96 12.03
N ARG C 93 13.34 2.72 12.52
CA ARG C 93 12.11 3.33 12.01
C ARG C 93 12.04 3.21 10.50
N VAL C 94 12.25 1.99 10.00
CA VAL C 94 12.18 1.68 8.57
C VAL C 94 10.73 1.81 8.11
N ASP C 95 10.50 2.65 7.11
CA ASP C 95 9.19 2.80 6.48
C ASP C 95 8.80 1.41 5.97
N PRO C 96 7.64 0.88 6.40
CA PRO C 96 7.13 -0.43 5.95
C PRO C 96 7.14 -0.66 4.44
N VAL C 97 6.93 0.39 3.63
CA VAL C 97 7.01 0.22 2.17
C VAL C 97 8.35 -0.33 1.68
N ASN C 98 9.44 -0.14 2.42
CA ASN C 98 10.73 -0.64 1.90
C ASN C 98 10.92 -2.16 2.00
N PHE C 99 10.09 -2.84 2.78
CA PHE C 99 10.19 -4.27 2.97
C PHE C 99 9.81 -5.01 1.68
N LYS C 100 8.79 -4.53 1.00
CA LYS C 100 8.40 -5.08 -0.29
C LYS C 100 9.50 -4.86 -1.31
N LEU C 101 10.20 -3.73 -1.19
CA LEU C 101 11.23 -3.41 -2.16
C LEU C 101 12.36 -4.42 -2.02
N LEU C 102 12.77 -4.67 -0.79
CA LEU C 102 13.85 -5.59 -0.56
C LEU C 102 13.41 -6.98 -1.02
N GLY C 103 12.14 -7.30 -0.81
CA GLY C 103 11.64 -8.66 -1.11
C GLY C 103 11.58 -8.82 -2.61
N GLN C 104 11.13 -7.77 -3.27
CA GLN C 104 11.10 -7.72 -4.72
C GLN C 104 12.52 -7.91 -5.27
N CYS C 105 13.53 -7.33 -4.61
CA CYS C 105 14.89 -7.44 -5.14
C CYS C 105 15.44 -8.84 -4.94
N PHE C 106 15.09 -9.46 -3.82
CA PHE C 106 15.41 -10.85 -3.54
C PHE C 106 14.89 -11.86 -4.60
N LEU C 107 13.62 -11.73 -4.94
CA LEU C 107 13.02 -12.58 -5.99
C LEU C 107 13.65 -12.35 -7.38
N VAL C 108 14.06 -11.11 -7.71
CA VAL C 108 14.80 -10.86 -8.97
C VAL C 108 16.10 -11.65 -8.91
N VAL C 109 16.84 -11.62 -7.78
CA VAL C 109 18.11 -12.43 -7.67
C VAL C 109 17.87 -13.92 -7.87
N VAL C 110 16.84 -14.45 -7.25
CA VAL C 110 16.60 -15.89 -7.40
C VAL C 110 16.24 -16.24 -8.83
N ALA C 111 15.42 -15.39 -9.45
CA ALA C 111 14.94 -15.61 -10.79
C ALA C 111 16.08 -15.61 -11.74
N ILE C 112 16.96 -14.63 -11.62
CA ILE C 112 18.15 -14.56 -12.46
C ILE C 112 18.96 -15.85 -12.44
N HIS C 113 19.13 -16.45 -11.28
CA HIS C 113 20.09 -17.54 -11.14
C HIS C 113 19.40 -18.87 -11.24
N HIS C 114 18.10 -18.92 -11.01
CA HIS C 114 17.44 -20.18 -10.94
C HIS C 114 16.20 -20.15 -11.85
N PRO C 115 16.40 -20.11 -13.18
CA PRO C 115 15.20 -20.01 -14.03
C PRO C 115 14.37 -21.29 -13.84
N SER C 116 13.06 -21.12 -13.78
CA SER C 116 12.09 -22.16 -13.71
C SER C 116 11.91 -22.64 -12.29
N LEU C 117 12.61 -22.05 -11.33
CA LEU C 117 12.37 -22.38 -9.91
C LEU C 117 11.15 -21.63 -9.44
N LEU C 118 11.08 -20.31 -9.76
CA LEU C 118 9.90 -19.54 -9.33
C LEU C 118 8.81 -19.67 -10.33
N THR C 119 8.12 -20.81 -10.29
CA THR C 119 6.93 -21.00 -11.08
C THR C 119 5.90 -19.99 -10.57
N PRO C 120 4.72 -19.81 -11.24
CA PRO C 120 3.75 -18.92 -10.62
C PRO C 120 3.34 -19.29 -9.18
N GLU C 121 3.02 -20.55 -8.96
CA GLU C 121 2.63 -21.02 -7.64
C GLU C 121 3.72 -20.75 -6.58
N VAL C 122 4.96 -21.16 -6.86
CA VAL C 122 6.12 -21.01 -5.96
C VAL C 122 6.39 -19.55 -5.73
N HIS C 123 6.27 -18.74 -6.77
CA HIS C 123 6.31 -17.27 -6.64
C HIS C 123 5.24 -16.78 -5.63
N ALA C 124 4.02 -17.26 -5.77
CA ALA C 124 2.95 -16.90 -4.87
C ALA C 124 3.33 -17.27 -3.42
N SER C 125 3.82 -18.49 -3.20
CA SER C 125 4.20 -18.94 -1.85
C SER C 125 5.33 -18.08 -1.25
N LEU C 126 6.33 -17.80 -2.07
CA LEU C 126 7.47 -17.02 -1.63
C LEU C 126 7.06 -15.59 -1.39
N ASP C 127 6.08 -15.11 -2.12
CA ASP C 127 5.55 -13.78 -1.84
C ASP C 127 4.89 -13.77 -0.47
N LYS C 128 4.11 -14.80 -0.14
CA LYS C 128 3.46 -14.79 1.16
C LYS C 128 4.50 -14.91 2.28
N PHE C 129 5.60 -15.59 2.02
CA PHE C 129 6.67 -15.77 3.02
C PHE C 129 7.39 -14.45 3.29
N LEU C 130 7.77 -13.73 2.23
CA LEU C 130 8.43 -12.44 2.37
C LEU C 130 7.53 -11.46 3.12
N CYS C 131 6.23 -11.55 2.86
CA CYS C 131 5.26 -10.68 3.51
C CYS C 131 5.19 -11.01 4.98
N ALA C 132 5.05 -12.28 5.36
CA ALA C 132 4.98 -12.64 6.77
C ALA C 132 6.27 -12.22 7.50
N VAL C 133 7.41 -12.29 6.83
CA VAL C 133 8.66 -11.81 7.41
C VAL C 133 8.61 -10.27 7.58
N ALA C 134 8.17 -9.54 6.56
CA ALA C 134 7.99 -8.13 6.68
C ALA C 134 7.14 -7.84 7.86
N ASN C 135 6.02 -8.54 7.99
CA ASN C 135 5.10 -8.28 9.09
C ASN C 135 5.71 -8.47 10.44
N VAL C 136 6.62 -9.44 10.55
CA VAL C 136 7.34 -9.63 11.80
C VAL C 136 8.30 -8.44 12.09
N LEU C 137 9.00 -7.95 11.08
CA LEU C 137 9.98 -6.90 11.30
C LEU C 137 9.36 -5.52 11.60
N THR C 138 8.10 -5.29 11.19
CA THR C 138 7.44 -3.99 11.32
C THR C 138 6.40 -3.88 12.47
N ALA C 139 6.36 -4.91 13.34
CA ALA C 139 5.28 -5.07 14.35
C ALA C 139 5.52 -4.29 15.65
N VAL D 1 8.41 13.08 -15.87
CA VAL D 1 9.63 12.23 -15.77
C VAL D 1 10.63 12.65 -16.85
N GLN D 2 11.91 12.46 -16.54
CA GLN D 2 13.03 12.74 -17.42
C GLN D 2 13.81 11.45 -17.59
N TRP D 3 14.11 11.08 -18.82
CA TRP D 3 14.81 9.86 -19.10
C TRP D 3 16.25 10.18 -19.46
N SER D 4 17.22 9.58 -18.78
CA SER D 4 18.62 9.72 -19.21
C SER D 4 18.88 8.89 -20.46
N ALA D 5 20.02 9.14 -21.08
CA ALA D 5 20.45 8.39 -22.27
C ALA D 5 20.72 6.93 -21.93
N GLU D 6 21.31 6.75 -20.74
CA GLU D 6 21.63 5.44 -20.19
C GLU D 6 20.34 4.59 -20.06
N GLU D 7 19.36 5.17 -19.39
CA GLU D 7 18.07 4.53 -19.20
C GLU D 7 17.43 4.14 -20.50
N LYS D 8 17.42 5.03 -21.48
CA LYS D 8 16.75 4.71 -22.75
C LYS D 8 17.47 3.55 -23.41
N GLN D 9 18.78 3.53 -23.26
CA GLN D 9 19.58 2.50 -23.89
C GLN D 9 19.29 1.12 -23.23
N LEU D 10 19.22 1.09 -21.92
CA LEU D 10 18.94 -0.14 -21.22
C LEU D 10 17.56 -0.65 -21.54
N ILE D 11 16.59 0.24 -21.58
CA ILE D 11 15.21 -0.15 -21.86
C ILE D 11 15.04 -0.65 -23.32
N SER D 12 15.49 0.15 -24.30
CA SER D 12 15.20 -0.22 -25.68
C SER D 12 15.96 -1.49 -26.07
N SER D 13 17.20 -1.54 -25.65
CA SER D 13 18.05 -2.68 -25.92
C SER D 13 17.42 -4.03 -25.50
N LEU D 14 16.98 -4.10 -24.24
CA LEU D 14 16.28 -5.29 -23.67
C LEU D 14 14.90 -5.53 -24.29
N TRP D 15 14.12 -4.47 -24.49
CA TRP D 15 12.84 -4.60 -25.17
C TRP D 15 13.07 -5.34 -26.47
N GLY D 16 14.03 -4.88 -27.26
CA GLY D 16 14.35 -5.55 -28.52
C GLY D 16 14.56 -7.05 -28.43
N LYS D 17 14.89 -7.55 -27.24
CA LYS D 17 15.16 -8.96 -27.05
C LYS D 17 14.04 -9.72 -26.36
N VAL D 18 13.06 -8.99 -25.85
CA VAL D 18 11.90 -9.64 -25.22
C VAL D 18 11.05 -10.53 -26.20
N ASN D 19 10.78 -11.77 -25.79
CA ASN D 19 9.73 -12.56 -26.42
C ASN D 19 8.42 -12.14 -25.76
N VAL D 20 7.66 -11.30 -26.44
CA VAL D 20 6.45 -10.69 -25.88
C VAL D 20 5.39 -11.72 -25.47
N ALA D 21 5.21 -12.73 -26.32
CA ALA D 21 4.14 -13.69 -26.09
C ALA D 21 4.45 -14.50 -24.83
N GLU D 22 5.70 -14.91 -24.70
CA GLU D 22 6.16 -15.63 -23.53
C GLU D 22 6.13 -14.82 -22.23
N CYS D 23 6.62 -13.58 -22.27
CA CYS D 23 6.77 -12.81 -21.05
C CYS D 23 5.43 -12.21 -20.72
N GLY D 24 4.63 -11.94 -21.75
CA GLY D 24 3.24 -11.52 -21.53
C GLY D 24 2.37 -12.55 -20.85
N ALA D 25 2.43 -13.78 -21.31
CA ALA D 25 1.70 -14.88 -20.69
C ALA D 25 2.19 -15.15 -19.28
N GLU D 26 3.49 -15.14 -19.10
CA GLU D 26 4.02 -15.31 -17.74
C GLU D 26 3.46 -14.19 -16.83
N ALA D 27 3.49 -12.97 -17.30
CA ALA D 27 3.22 -11.85 -16.42
C ALA D 27 1.74 -11.88 -15.91
N LEU D 28 0.83 -12.20 -16.83
CA LEU D 28 -0.60 -12.23 -16.53
C LEU D 28 -1.04 -13.45 -15.75
N ALA D 29 -0.50 -14.61 -16.10
CA ALA D 29 -0.68 -15.79 -15.28
C ALA D 29 -0.25 -15.54 -13.81
N ARG D 30 0.89 -14.89 -13.61
CA ARG D 30 1.38 -14.58 -12.28
C ARG D 30 0.54 -13.55 -11.58
N LEU D 31 0.05 -12.55 -12.30
CA LEU D 31 -0.83 -11.61 -11.64
C LEU D 31 -1.99 -12.35 -11.03
N LEU D 32 -2.59 -13.25 -11.81
CA LEU D 32 -3.81 -13.89 -11.36
C LEU D 32 -3.58 -14.91 -10.28
N ILE D 33 -2.39 -15.48 -10.23
CA ILE D 33 -2.10 -16.54 -9.32
C ILE D 33 -1.43 -15.99 -8.03
N VAL D 34 -0.46 -15.08 -8.14
CA VAL D 34 0.17 -14.46 -6.96
C VAL D 34 -0.82 -13.52 -6.24
N TYR D 35 -1.74 -12.88 -6.99
CA TYR D 35 -2.67 -11.92 -6.42
C TYR D 35 -4.08 -12.26 -6.82
N PRO D 36 -4.64 -13.32 -6.20
CA PRO D 36 -5.80 -13.94 -6.80
C PRO D 36 -7.05 -13.08 -6.79
N TRP D 37 -7.08 -12.00 -6.02
CA TRP D 37 -8.28 -11.17 -6.08
C TRP D 37 -8.40 -10.53 -7.50
N THR D 38 -7.30 -10.38 -8.22
CA THR D 38 -7.40 -9.77 -9.51
C THR D 38 -8.21 -10.62 -10.49
N GLN D 39 -8.47 -11.91 -10.18
CA GLN D 39 -9.32 -12.78 -11.02
C GLN D 39 -10.71 -12.22 -11.18
N ARG D 40 -11.15 -11.39 -10.26
CA ARG D 40 -12.49 -10.84 -10.34
C ARG D 40 -12.72 -10.11 -11.66
N PHE D 41 -11.67 -9.46 -12.16
CA PHE D 41 -11.74 -8.69 -13.41
C PHE D 41 -11.76 -9.51 -14.70
N PHE D 42 -11.46 -10.82 -14.60
CA PHE D 42 -11.16 -11.68 -15.74
C PHE D 42 -11.99 -12.91 -15.79
N THR D 43 -13.11 -12.95 -15.09
CA THR D 43 -14.01 -14.07 -15.12
C THR D 43 -14.51 -14.44 -16.51
N SER D 44 -14.58 -13.46 -17.40
CA SER D 44 -15.01 -13.66 -18.80
C SER D 44 -14.03 -14.51 -19.61
N PHE D 45 -12.83 -14.73 -19.08
CA PHE D 45 -11.77 -15.47 -19.78
C PHE D 45 -11.95 -16.97 -19.75
N GLY D 46 -12.87 -17.46 -18.95
CA GLY D 46 -13.14 -18.91 -18.83
C GLY D 46 -12.52 -19.60 -17.64
N ASN D 47 -11.81 -20.69 -17.89
CA ASN D 47 -11.35 -21.53 -16.78
C ASN D 47 -10.17 -20.93 -16.02
N LEU D 48 -10.44 -20.41 -14.82
CA LEU D 48 -9.45 -19.85 -13.96
C LEU D 48 -9.37 -20.69 -12.65
N SER D 49 -9.78 -21.97 -12.70
CA SER D 49 -10.09 -22.70 -11.45
C SER D 49 -8.90 -23.34 -10.70
N SER D 50 -7.69 -23.18 -11.21
CA SER D 50 -6.49 -23.72 -10.57
C SER D 50 -5.33 -23.00 -11.24
N ALA D 51 -4.14 -23.13 -10.71
CA ALA D 51 -2.96 -22.57 -11.39
C ALA D 51 -2.74 -23.18 -12.79
N SER D 52 -2.89 -24.49 -12.95
CA SER D 52 -2.58 -25.06 -14.26
C SER D 52 -3.54 -24.52 -15.33
N ALA D 53 -4.81 -24.40 -14.95
CA ALA D 53 -5.88 -23.86 -15.80
C ALA D 53 -5.63 -22.41 -16.17
N ILE D 54 -5.14 -21.60 -15.20
CA ILE D 54 -4.89 -20.19 -15.46
C ILE D 54 -3.75 -20.13 -16.48
N ILE D 55 -2.73 -20.95 -16.24
CA ILE D 55 -1.53 -20.94 -17.07
C ILE D 55 -1.82 -21.49 -18.45
N GLY D 56 -2.73 -22.43 -18.58
CA GLY D 56 -3.07 -22.95 -19.89
C GLY D 56 -4.27 -22.27 -20.54
N ASN D 57 -4.78 -21.15 -20.00
CA ASN D 57 -6.04 -20.57 -20.50
C ASN D 57 -5.74 -19.64 -21.70
N PRO D 58 -6.36 -19.92 -22.86
CA PRO D 58 -5.98 -19.26 -24.11
C PRO D 58 -6.20 -17.75 -24.11
N MET D 59 -7.11 -17.31 -23.27
CA MET D 59 -7.41 -15.90 -23.08
C MET D 59 -6.41 -15.18 -22.22
N VAL D 60 -5.94 -15.83 -21.18
CA VAL D 60 -4.85 -15.32 -20.37
C VAL D 60 -3.62 -15.09 -21.27
N ARG D 61 -3.24 -16.11 -22.05
CA ARG D 61 -2.12 -16.01 -22.97
C ARG D 61 -2.28 -14.85 -23.93
N ALA D 62 -3.43 -14.74 -24.58
CA ALA D 62 -3.63 -13.70 -25.58
C ALA D 62 -3.61 -12.37 -24.89
N HIS D 63 -4.31 -12.28 -23.77
CA HIS D 63 -4.41 -11.01 -23.08
C HIS D 63 -3.03 -10.58 -22.63
N GLY D 64 -2.26 -11.51 -22.06
CA GLY D 64 -0.86 -11.25 -21.64
C GLY D 64 0.02 -10.59 -22.72
N LYS D 65 -0.05 -11.15 -23.93
CA LYS D 65 0.68 -10.62 -25.10
C LYS D 65 0.31 -9.18 -25.37
N LYS D 66 -0.96 -8.86 -25.29
CA LYS D 66 -1.40 -7.52 -25.53
C LYS D 66 -0.99 -6.55 -24.43
N VAL D 67 -0.93 -7.01 -23.19
CA VAL D 67 -0.46 -6.15 -22.11
C VAL D 67 1.00 -5.78 -22.36
N LEU D 68 1.84 -6.78 -22.57
CA LEU D 68 3.24 -6.49 -22.73
C LEU D 68 3.51 -5.77 -24.06
N THR D 69 2.68 -5.93 -25.11
CA THR D 69 2.74 -5.10 -26.32
C THR D 69 2.52 -3.63 -25.90
N SER D 70 1.53 -3.42 -25.04
CA SER D 70 1.22 -2.12 -24.45
C SER D 70 2.47 -1.48 -23.82
N PHE D 71 3.20 -2.25 -23.01
CA PHE D 71 4.49 -1.71 -22.46
C PHE D 71 5.50 -1.35 -23.56
N GLY D 72 5.47 -2.10 -24.64
CA GLY D 72 6.36 -1.81 -25.75
C GLY D 72 6.01 -0.48 -26.34
N ASP D 73 4.71 -0.20 -26.41
CA ASP D 73 4.32 1.10 -26.86
C ASP D 73 4.83 2.22 -25.89
N ALA D 74 5.04 1.99 -24.61
CA ALA D 74 5.81 2.96 -23.80
C ALA D 74 7.31 3.04 -24.24
N VAL D 75 7.91 1.86 -24.44
CA VAL D 75 9.31 1.72 -24.83
C VAL D 75 9.57 2.45 -26.11
N LYS D 76 8.61 2.45 -27.03
CA LYS D 76 8.80 3.09 -28.34
C LYS D 76 8.73 4.61 -28.31
N ASN D 77 8.28 5.17 -27.20
CA ASN D 77 7.90 6.58 -27.19
C ASN D 77 7.91 7.11 -25.74
N LEU D 78 9.09 6.98 -25.15
CA LEU D 78 9.33 7.12 -23.73
C LEU D 78 8.98 8.50 -23.18
N ASP D 79 9.02 9.56 -24.01
CA ASP D 79 8.62 10.91 -23.55
C ASP D 79 7.14 11.23 -23.74
N ASN D 80 6.34 10.32 -24.28
CA ASN D 80 4.89 10.60 -24.38
C ASN D 80 4.03 9.46 -23.84
N ILE D 81 4.48 8.96 -22.72
CA ILE D 81 3.81 7.87 -22.09
C ILE D 81 2.41 8.28 -21.66
N LYS D 82 2.24 9.50 -21.17
CA LYS D 82 0.94 9.93 -20.59
C LYS D 82 -0.19 9.75 -21.59
N ASN D 83 0.08 10.13 -22.83
CA ASN D 83 -0.89 10.09 -23.90
C ASN D 83 -1.06 8.69 -24.49
N THR D 84 0.03 7.96 -24.57
CA THR D 84 0.00 6.62 -25.12
C THR D 84 -1.00 5.77 -24.34
N PHE D 85 -1.11 6.04 -23.05
CA PHE D 85 -2.01 5.33 -22.14
C PHE D 85 -3.33 6.05 -21.77
N ALA D 86 -3.73 7.11 -22.50
CA ALA D 86 -4.93 7.85 -22.05
C ALA D 86 -6.24 7.06 -22.16
N GLN D 87 -6.47 6.33 -23.25
CA GLN D 87 -7.67 5.52 -23.38
C GLN D 87 -7.60 4.37 -22.39
N LEU D 88 -6.44 3.74 -22.27
CA LEU D 88 -6.25 2.68 -21.22
C LEU D 88 -6.51 3.18 -19.80
N SER D 89 -6.23 4.43 -19.50
CA SER D 89 -6.52 4.93 -18.17
C SER D 89 -8.02 4.95 -17.95
N GLU D 90 -8.75 5.52 -18.91
CA GLU D 90 -10.21 5.55 -18.88
C GLU D 90 -10.80 4.17 -18.77
N LEU D 91 -10.30 3.23 -19.56
CA LEU D 91 -10.76 1.87 -19.47
C LEU D 91 -10.57 1.30 -18.04
N HIS D 92 -9.36 1.37 -17.53
CA HIS D 92 -9.07 0.69 -16.29
C HIS D 92 -9.81 1.36 -15.14
N CYS D 93 -9.79 2.69 -15.11
CA CYS D 93 -10.37 3.48 -14.03
C CYS D 93 -11.87 3.72 -14.21
N ASP D 94 -12.26 4.62 -15.14
CA ASP D 94 -13.67 5.03 -15.36
C ASP D 94 -14.66 3.86 -15.58
N LYS D 95 -14.18 2.68 -16.01
CA LYS D 95 -15.09 1.60 -16.43
C LYS D 95 -14.94 0.32 -15.65
N LEU D 96 -13.69 -0.08 -15.42
CA LEU D 96 -13.33 -1.31 -14.72
C LEU D 96 -13.21 -1.11 -13.20
N HIS D 97 -12.74 0.05 -12.75
CA HIS D 97 -12.58 0.32 -11.35
C HIS D 97 -11.57 -0.68 -10.79
N VAL D 98 -10.47 -0.85 -11.54
CA VAL D 98 -9.27 -1.52 -11.05
C VAL D 98 -8.53 -0.50 -10.20
N ASP D 99 -8.33 -0.77 -8.89
CA ASP D 99 -7.50 0.08 -8.04
C ASP D 99 -6.05 0.15 -8.58
N PRO D 100 -5.45 1.36 -8.60
CA PRO D 100 -4.07 1.59 -9.08
C PRO D 100 -3.01 0.75 -8.44
N GLU D 101 -3.20 0.37 -7.18
CA GLU D 101 -2.22 -0.49 -6.52
C GLU D 101 -1.99 -1.77 -7.34
N ASN D 102 -3.00 -2.26 -8.04
CA ASN D 102 -2.79 -3.41 -8.94
C ASN D 102 -1.85 -3.16 -10.12
N PHE D 103 -1.79 -1.94 -10.61
CA PHE D 103 -0.85 -1.61 -11.69
C PHE D 103 0.60 -1.74 -11.20
N ARG D 104 0.85 -1.21 -10.02
CA ARG D 104 2.14 -1.48 -9.35
C ARG D 104 2.42 -3.01 -9.25
N LEU D 105 1.46 -3.77 -8.71
CA LEU D 105 1.65 -5.22 -8.62
C LEU D 105 1.97 -5.89 -9.97
N LEU D 106 1.29 -5.52 -11.04
CA LEU D 106 1.62 -6.08 -12.36
C LEU D 106 3.05 -5.73 -12.76
N GLY D 107 3.47 -4.50 -12.51
CA GLY D 107 4.82 -4.08 -12.91
C GLY D 107 5.94 -4.84 -12.19
N ASP D 108 5.82 -4.98 -10.88
CA ASP D 108 6.69 -5.79 -10.09
C ASP D 108 6.78 -7.19 -10.64
N ILE D 109 5.64 -7.81 -10.96
CA ILE D 109 5.64 -9.15 -11.60
C ILE D 109 6.44 -9.19 -12.93
N LEU D 110 6.20 -8.20 -13.79
CA LEU D 110 7.00 -8.04 -15.03
C LEU D 110 8.53 -7.91 -14.78
N ILE D 111 8.93 -7.20 -13.75
CA ILE D 111 10.37 -7.17 -13.43
C ILE D 111 10.85 -8.60 -13.18
N ILE D 112 10.13 -9.35 -12.36
CA ILE D 112 10.55 -10.73 -12.04
C ILE D 112 10.51 -11.65 -13.28
N VAL D 113 9.54 -11.50 -14.14
CA VAL D 113 9.50 -12.25 -15.40
C VAL D 113 10.74 -11.96 -16.25
N LEU D 114 11.12 -10.71 -16.37
CA LEU D 114 12.30 -10.30 -17.15
C LEU D 114 13.57 -10.85 -16.52
N ALA D 115 13.64 -10.84 -15.19
CA ALA D 115 14.78 -11.37 -14.48
C ALA D 115 15.00 -12.77 -14.89
N ALA D 116 13.95 -13.58 -14.82
CA ALA D 116 14.05 -15.00 -15.20
C ALA D 116 14.47 -15.15 -16.68
N HIS D 117 13.95 -14.25 -17.51
CA HIS D 117 14.13 -14.35 -18.98
C HIS D 117 15.55 -14.02 -19.38
N PHE D 118 16.13 -13.01 -18.75
CA PHE D 118 17.44 -12.51 -19.17
C PHE D 118 18.66 -12.87 -18.33
N ALA D 119 18.44 -13.40 -17.15
CA ALA D 119 19.54 -13.79 -16.29
C ALA D 119 20.43 -12.55 -16.03
N LYS D 120 21.75 -12.71 -16.14
CA LYS D 120 22.76 -11.70 -15.81
C LYS D 120 22.75 -10.41 -16.68
N GLU D 121 22.18 -10.50 -17.88
CA GLU D 121 21.92 -9.33 -18.71
C GLU D 121 20.97 -8.38 -17.99
N PHE D 122 20.12 -8.90 -17.11
CA PHE D 122 19.22 -8.05 -16.33
C PHE D 122 20.01 -7.46 -15.16
N THR D 123 20.92 -6.54 -15.45
CA THR D 123 21.82 -5.98 -14.46
C THR D 123 21.06 -5.10 -13.45
N PRO D 124 21.77 -4.64 -12.41
CA PRO D 124 21.10 -3.76 -11.49
C PRO D 124 20.63 -2.44 -12.15
N GLU D 125 21.52 -1.84 -12.92
CA GLU D 125 21.17 -0.64 -13.65
C GLU D 125 19.94 -0.91 -14.55
N CYS D 126 19.90 -2.07 -15.19
CA CYS D 126 18.79 -2.43 -16.06
C CYS D 126 17.49 -2.58 -15.30
N GLN D 127 17.54 -3.22 -14.13
CA GLN D 127 16.40 -3.36 -13.26
C GLN D 127 15.96 -1.99 -12.86
N ALA D 128 16.89 -1.12 -12.48
CA ALA D 128 16.52 0.28 -12.10
C ALA D 128 15.71 0.97 -13.18
N ALA D 129 16.20 0.86 -14.41
CA ALA D 129 15.57 1.52 -15.56
C ALA D 129 14.20 0.94 -15.83
N TRP D 130 14.08 -0.40 -15.78
CA TRP D 130 12.79 -1.06 -16.01
C TRP D 130 11.75 -0.89 -14.91
N GLN D 131 12.18 -0.82 -13.67
CA GLN D 131 11.29 -0.41 -12.59
C GLN D 131 10.76 1.05 -12.75
N LYS D 132 11.62 1.95 -13.21
CA LYS D 132 11.18 3.31 -13.44
C LYS D 132 10.11 3.28 -14.53
N LEU D 133 10.34 2.50 -15.58
CA LEU D 133 9.35 2.39 -16.68
C LEU D 133 7.99 1.88 -16.24
N VAL D 134 7.97 0.75 -15.52
CA VAL D 134 6.69 0.21 -15.07
C VAL D 134 6.06 1.19 -14.09
N ARG D 135 6.87 1.90 -13.30
CA ARG D 135 6.29 2.92 -12.39
C ARG D 135 5.68 4.10 -13.18
N VAL D 136 6.32 4.52 -14.27
CA VAL D 136 5.81 5.63 -15.10
C VAL D 136 4.56 5.18 -15.88
N VAL D 137 4.55 3.95 -16.34
CA VAL D 137 3.33 3.45 -16.99
C VAL D 137 2.17 3.30 -16.00
N ALA D 138 2.48 2.79 -14.80
CA ALA D 138 1.45 2.71 -13.77
C ALA D 138 0.87 4.10 -13.49
N HIS D 139 1.71 5.13 -13.42
CA HIS D 139 1.27 6.49 -13.14
C HIS D 139 0.39 7.04 -14.28
N ALA D 140 0.80 6.83 -15.53
CA ALA D 140 0.01 7.24 -16.68
C ALA D 140 -1.38 6.57 -16.68
N LEU D 141 -1.44 5.35 -16.16
CA LEU D 141 -2.66 4.57 -16.23
C LEU D 141 -3.63 5.04 -15.13
N ALA D 142 -3.11 5.62 -14.04
CA ALA D 142 -3.92 6.11 -12.91
C ALA D 142 -4.38 7.55 -13.12
N ARG D 143 -4.03 8.11 -14.28
CA ARG D 143 -4.16 9.55 -14.54
C ARG D 143 -5.64 9.92 -14.56
N LYS D 144 -6.45 9.12 -15.28
CA LYS D 144 -7.89 9.38 -15.39
C LYS D 144 -8.68 8.82 -14.20
N TYR D 145 -8.01 8.08 -13.30
CA TYR D 145 -8.62 7.81 -11.99
C TYR D 145 -8.72 9.19 -11.33
N HIS D 146 -7.58 9.89 -11.20
CA HIS D 146 -7.52 11.25 -10.59
C HIS D 146 -8.42 12.29 -11.28
#